data_5VQE
#
_entry.id   5VQE
#
_cell.length_a   80.390
_cell.length_b   83.950
_cell.length_c   161.270
_cell.angle_alpha   90.00
_cell.angle_beta   90.00
_cell.angle_gamma   90.00
#
_symmetry.space_group_name_H-M   'C 2 2 21'
#
loop_
_entity.id
_entity.type
_entity.pdbx_description
1 polymer 'Beta-glucoside phosphorylase BglX'
2 non-polymer 2-deoxy-2-fluoro-alpha-D-glucopyranose
3 water water
#
_entity_poly.entity_id   1
_entity_poly.type   'polypeptide(L)'
_entity_poly.pdbx_seq_one_letter_code
;MYESILSIKPYNLSKEQITWVNQTLVSLSDDEKLGQLICEIIWDKPGCDPLDVMKHFLPGAVMYRPFKAKRMREFTQRLQ
KASKIPLLIACNLERGGSGGNGGMEDGTYVASPMGVAATDDESSAEHLGEVCASEGSAVGVNWTYEPIIDIDMNPENPIT
NVRTYGSDPERIIRMAKAYCRGCRKWGVLTTIKHFPGDGVDYRDQHLMSSVNNLSADEWMDTYGRIYQALIEDGAETLMS
AHIRQPNVTRMVNPLIKDEEIMPGSLSKELMQGILRGRFHFNGLICTDATQMVGYTCSMPRHEALPTSIQNGADMLTFTL
NPTEDFKALQEGLSCGLLTHERLDEAVARILGMKAKLRLPERKDVVPPLHAMERIQSKKHKKWALEIADESITLVKDKQK
GLLPLSPQKTKRIILVQATNEKPEGGYLSEARLFKGLLEKEGFIVHWFEEVPRPGTGYSIEDLKRDTDLFIYYANFKVSS
NQTTIRLVWSDFLGDSSPKFVCDVPTLFLSFSNPYHLVDVPMVKTYINAYTSNEATVRMMIEKLMGRSSFKGKSPVDPFA
GLWDARLHHHHHH
;
_entity_poly.pdbx_strand_id   A
#
# COMPACT_ATOMS: atom_id res chain seq x y z
N MET A 1 -7.23 24.90 25.41
CA MET A 1 -8.22 23.79 25.28
C MET A 1 -7.61 22.58 24.56
N TYR A 2 -8.41 21.53 24.40
CA TYR A 2 -8.03 20.29 23.75
C TYR A 2 -6.99 19.51 24.53
N GLU A 3 -6.78 19.84 25.80
CA GLU A 3 -5.81 19.11 26.60
C GLU A 3 -6.20 17.64 26.72
N SER A 4 -7.51 17.35 26.74
CA SER A 4 -7.96 15.96 26.85
C SER A 4 -7.57 15.14 25.62
N ILE A 5 -7.38 15.78 24.47
CA ILE A 5 -6.90 15.09 23.27
C ILE A 5 -5.38 15.10 23.22
N LEU A 6 -4.76 16.28 23.38
CA LEU A 6 -3.36 16.47 23.02
C LEU A 6 -2.38 15.94 24.08
N SER A 7 -2.82 15.72 25.31
CA SER A 7 -1.89 15.27 26.35
C SER A 7 -1.79 13.75 26.45
N ILE A 8 -2.60 12.99 25.72
CA ILE A 8 -2.63 11.55 25.84
C ILE A 8 -2.27 10.91 24.50
N LYS A 9 -2.06 9.59 24.55
CA LYS A 9 -1.77 8.79 23.38
C LYS A 9 -2.77 9.08 22.26
N PRO A 10 -2.32 9.21 21.00
CA PRO A 10 -0.95 9.08 20.49
C PRO A 10 -0.22 10.42 20.35
N TYR A 11 -0.71 11.46 21.00
CA TYR A 11 -0.08 12.78 20.96
C TYR A 11 0.98 12.93 22.05
N ASN A 12 0.57 12.84 23.32
CA ASN A 12 1.50 12.91 24.45
C ASN A 12 2.28 14.23 24.44
N LEU A 13 1.61 15.33 24.14
CA LEU A 13 2.30 16.62 24.04
C LEU A 13 2.53 17.20 25.42
N SER A 14 3.57 18.03 25.51
CA SER A 14 3.89 18.76 26.72
C SER A 14 3.01 20.00 26.84
N LYS A 15 3.02 20.60 28.03
CA LYS A 15 2.28 21.84 28.25
C LYS A 15 2.65 22.89 27.21
N GLU A 16 3.93 23.04 26.91
CA GLU A 16 4.36 24.08 25.98
C GLU A 16 3.94 23.77 24.55
N GLN A 17 3.96 22.49 24.16
CA GLN A 17 3.52 22.12 22.81
C GLN A 17 2.03 22.38 22.63
N ILE A 18 1.24 22.09 23.67
CA ILE A 18 -0.19 22.36 23.63
C ILE A 18 -0.44 23.86 23.56
N THR A 19 0.39 24.66 24.24
CA THR A 19 0.26 26.11 24.14
C THR A 19 0.54 26.58 22.72
N TRP A 20 1.52 25.97 22.05
CA TRP A 20 1.77 26.31 20.65
C TRP A 20 0.57 25.99 19.77
N VAL A 21 -0.03 24.81 19.97
CA VAL A 21 -1.19 24.43 19.15
C VAL A 21 -2.30 25.45 19.31
N ASN A 22 -2.63 25.79 20.56
CA ASN A 22 -3.74 26.69 20.84
C ASN A 22 -3.47 28.09 20.31
N GLN A 23 -2.27 28.62 20.58
CA GLN A 23 -1.94 29.96 20.10
C GLN A 23 -1.98 30.02 18.58
N THR A 24 -1.44 28.99 17.92
CA THR A 24 -1.47 28.93 16.46
C THR A 24 -2.91 28.85 15.96
N LEU A 25 -3.70 27.95 16.53
CA LEU A 25 -5.11 27.83 16.13
C LEU A 25 -5.81 29.18 16.18
N VAL A 26 -5.69 29.87 17.30
CA VAL A 26 -6.40 31.14 17.48
C VAL A 26 -5.97 32.16 16.44
N SER A 27 -4.73 32.10 15.98
CA SER A 27 -4.20 33.08 15.04
C SER A 27 -4.64 32.85 13.62
N LEU A 28 -5.28 31.72 13.31
CA LEU A 28 -5.60 31.38 11.93
C LEU A 28 -6.97 31.93 11.56
N SER A 29 -7.07 32.49 10.36
CA SER A 29 -8.36 32.80 9.75
C SER A 29 -9.11 31.50 9.42
N ASP A 30 -10.42 31.65 9.19
CA ASP A 30 -11.20 30.51 8.74
C ASP A 30 -10.63 29.92 7.47
N ASP A 31 -10.21 30.78 6.53
CA ASP A 31 -9.64 30.28 5.28
C ASP A 31 -8.36 29.48 5.54
N GLU A 32 -7.55 29.92 6.51
CA GLU A 32 -6.33 29.20 6.83
C GLU A 32 -6.64 27.88 7.52
N LYS A 33 -7.66 27.87 8.39
CA LYS A 33 -8.05 26.64 9.04
C LYS A 33 -8.59 25.64 8.02
N LEU A 34 -9.45 26.11 7.10
CA LEU A 34 -9.95 25.23 6.04
C LEU A 34 -8.80 24.66 5.21
N GLY A 35 -7.77 25.46 4.94
CA GLY A 35 -6.66 24.96 4.15
C GLY A 35 -5.88 23.88 4.88
N GLN A 36 -5.75 24.02 6.20
CA GLN A 36 -5.06 22.99 7.00
C GLN A 36 -5.70 21.62 6.82
N LEU A 37 -7.00 21.58 6.50
CA LEU A 37 -7.70 20.31 6.35
C LEU A 37 -7.26 19.53 5.11
N ILE A 38 -6.56 20.17 4.18
CA ILE A 38 -6.34 19.62 2.83
C ILE A 38 -4.92 19.12 2.70
N CYS A 39 -4.77 17.88 2.23
CA CYS A 39 -3.49 17.38 1.73
C CYS A 39 -3.51 17.43 0.21
N GLU A 40 -2.49 18.04 -0.38
CA GLU A 40 -2.37 18.16 -1.83
C GLU A 40 -1.32 17.19 -2.37
N ILE A 41 -1.64 16.56 -3.50
CA ILE A 41 -0.70 15.64 -4.14
C ILE A 41 0.35 16.43 -4.92
N ILE A 42 1.55 15.88 -5.01
CA ILE A 42 2.66 16.53 -5.71
C ILE A 42 3.33 15.51 -6.61
N TRP A 43 3.56 15.92 -7.87
CA TRP A 43 4.28 15.12 -8.85
C TRP A 43 5.41 15.97 -9.42
N ASP A 44 6.40 15.29 -10.00
CA ASP A 44 7.55 15.96 -10.62
C ASP A 44 7.49 15.69 -12.13
N LYS A 45 6.85 16.60 -12.86
CA LYS A 45 6.84 16.55 -14.32
C LYS A 45 7.05 17.96 -14.81
N PRO A 46 7.83 18.16 -15.89
CA PRO A 46 8.10 19.53 -16.34
C PRO A 46 6.82 20.24 -16.73
N GLY A 47 6.71 21.51 -16.34
CA GLY A 47 5.47 22.23 -16.42
C GLY A 47 4.64 22.20 -15.16
N CYS A 48 4.96 21.29 -14.23
CA CYS A 48 4.30 21.21 -12.94
C CYS A 48 5.20 21.82 -11.88
N ASP A 49 4.65 22.78 -11.13
CA ASP A 49 5.39 23.49 -10.10
C ASP A 49 4.87 23.05 -8.74
N PRO A 50 5.71 22.57 -7.82
CA PRO A 50 5.18 22.12 -6.51
C PRO A 50 4.45 23.21 -5.75
N LEU A 51 4.93 24.46 -5.84
CA LEU A 51 4.27 25.56 -5.15
C LEU A 51 2.88 25.86 -5.70
N ASP A 52 2.44 25.18 -6.75
CA ASP A 52 1.06 25.30 -7.20
C ASP A 52 0.09 24.77 -6.15
N VAL A 53 0.54 23.96 -5.19
CA VAL A 53 -0.35 23.51 -4.13
C VAL A 53 -0.79 24.65 -3.22
N MET A 54 -0.20 25.83 -3.37
CA MET A 54 -0.48 26.96 -2.50
C MET A 54 -1.15 28.12 -3.23
N LYS A 55 -1.62 27.92 -4.46
CA LYS A 55 -2.21 29.02 -5.23
C LYS A 55 -3.62 29.36 -4.78
N HIS A 56 -4.39 28.39 -4.29
CA HIS A 56 -5.79 28.60 -3.99
C HIS A 56 -6.10 28.56 -2.51
N PHE A 57 -5.15 28.09 -1.70
CA PHE A 57 -5.29 27.97 -0.26
C PHE A 57 -3.95 27.51 0.27
N LEU A 58 -3.81 27.51 1.59
CA LEU A 58 -2.56 27.09 2.22
C LEU A 58 -2.76 25.70 2.83
N PRO A 59 -2.25 24.64 2.21
CA PRO A 59 -2.62 23.28 2.64
C PRO A 59 -1.94 22.89 3.94
N GLY A 60 -2.52 21.88 4.58
CA GLY A 60 -1.97 21.36 5.82
C GLY A 60 -0.92 20.29 5.58
N ALA A 61 -0.93 19.67 4.40
CA ALA A 61 -0.03 18.57 4.10
C ALA A 61 0.12 18.42 2.59
N VAL A 62 1.16 17.68 2.18
CA VAL A 62 1.30 17.22 0.81
C VAL A 62 1.69 15.74 0.85
N MET A 63 1.45 15.07 -0.28
CA MET A 63 1.96 13.71 -0.51
C MET A 63 2.77 13.69 -1.79
N TYR A 64 3.96 13.11 -1.74
CA TYR A 64 4.81 12.95 -2.92
C TYR A 64 4.42 11.67 -3.64
N ARG A 65 4.08 11.79 -4.91
CA ARG A 65 4.10 10.65 -5.81
C ARG A 65 5.53 10.19 -6.01
N PRO A 66 5.75 9.02 -6.62
CA PRO A 66 7.12 8.55 -6.81
C PRO A 66 7.88 9.36 -7.84
N PHE A 67 8.84 10.14 -7.38
CA PHE A 67 9.87 10.69 -8.23
C PHE A 67 11.19 10.59 -7.46
N LYS A 68 12.23 11.25 -7.96
CA LYS A 68 13.59 10.97 -7.47
C LYS A 68 13.80 11.53 -6.07
N ALA A 69 14.56 10.77 -5.27
CA ALA A 69 14.83 11.17 -3.89
C ALA A 69 15.43 12.57 -3.81
N LYS A 70 16.35 12.89 -4.72
CA LYS A 70 16.98 14.21 -4.66
C LYS A 70 15.97 15.31 -4.92
N ARG A 71 14.98 15.06 -5.78
CA ARG A 71 13.94 16.05 -6.04
C ARG A 71 12.98 16.16 -4.85
N MET A 72 12.64 15.03 -4.22
CA MET A 72 11.85 15.09 -3.01
C MET A 72 12.53 15.96 -1.97
N ARG A 73 13.85 15.79 -1.78
CA ARG A 73 14.56 16.57 -0.78
C ARG A 73 14.52 18.06 -1.11
N GLU A 74 14.68 18.39 -2.39
CA GLU A 74 14.60 19.79 -2.81
C GLU A 74 13.18 20.31 -2.63
N PHE A 75 12.18 19.50 -2.99
CA PHE A 75 10.79 19.91 -2.81
C PHE A 75 10.47 20.19 -1.35
N THR A 76 10.96 19.35 -0.43
CA THR A 76 10.68 19.57 0.99
C THR A 76 11.20 20.92 1.44
N GLN A 77 12.43 21.27 1.05
CA GLN A 77 13.00 22.55 1.44
C GLN A 77 12.17 23.70 0.90
N ARG A 78 11.85 23.65 -0.39
CA ARG A 78 11.08 24.71 -1.01
C ARG A 78 9.71 24.83 -0.38
N LEU A 79 9.02 23.70 -0.21
CA LEU A 79 7.66 23.74 0.33
C LEU A 79 7.65 24.25 1.76
N GLN A 80 8.50 23.70 2.61
CA GLN A 80 8.44 24.05 4.03
C GLN A 80 8.81 25.51 4.24
N LYS A 81 9.86 26.00 3.58
CA LYS A 81 10.25 27.39 3.78
C LYS A 81 9.21 28.36 3.24
N ALA A 82 8.40 27.93 2.28
CA ALA A 82 7.31 28.75 1.76
C ALA A 82 6.04 28.66 2.59
N SER A 83 5.97 27.76 3.56
CA SER A 83 4.77 27.54 4.36
C SER A 83 4.88 28.25 5.71
N LYS A 84 3.84 29.00 6.08
CA LYS A 84 3.81 29.61 7.41
C LYS A 84 3.67 28.54 8.48
N ILE A 85 2.76 27.60 8.29
CA ILE A 85 2.61 26.43 9.16
C ILE A 85 3.37 25.28 8.50
N PRO A 86 4.30 24.63 9.20
CA PRO A 86 4.98 23.48 8.61
C PRO A 86 4.00 22.44 8.10
N LEU A 87 4.39 21.77 7.02
CA LEU A 87 3.56 20.75 6.38
C LEU A 87 3.84 19.37 6.95
N LEU A 88 2.79 18.57 7.10
CA LEU A 88 2.97 17.13 7.09
C LEU A 88 3.27 16.69 5.66
N ILE A 89 4.30 15.86 5.49
CA ILE A 89 4.74 15.42 4.17
C ILE A 89 4.60 13.90 4.14
N ALA A 90 3.63 13.43 3.35
CA ALA A 90 3.26 12.02 3.32
C ALA A 90 3.79 11.32 2.08
N CYS A 91 3.84 9.99 2.16
CA CYS A 91 4.26 9.14 1.05
C CYS A 91 3.70 7.75 1.27
N ASN A 92 3.33 7.08 0.16
CA ASN A 92 2.88 5.68 0.18
C ASN A 92 4.10 4.76 0.19
N LEU A 93 4.83 4.77 1.32
CA LEU A 93 6.04 3.94 1.44
C LEU A 93 5.62 2.55 1.91
N GLU A 94 5.17 1.75 0.94
CA GLU A 94 4.52 0.47 1.20
C GLU A 94 5.51 -0.69 1.25
N ARG A 95 6.56 -0.66 0.44
CA ARG A 95 7.43 -1.80 0.22
C ARG A 95 8.90 -1.48 0.46
N GLY A 96 9.17 -0.37 1.14
CA GLY A 96 10.51 0.15 1.34
C GLY A 96 10.58 1.54 0.74
N GLY A 97 11.79 2.01 0.40
CA GLY A 97 11.89 3.29 -0.28
C GLY A 97 11.18 3.31 -1.62
N SER A 98 11.13 2.16 -2.30
CA SER A 98 10.52 2.05 -3.62
C SER A 98 9.63 0.80 -3.66
N GLY A 99 8.86 0.71 -4.73
CA GLY A 99 8.02 -0.44 -5.00
C GLY A 99 6.56 -0.18 -4.67
N GLY A 100 5.68 -0.78 -5.46
CA GLY A 100 4.26 -0.71 -5.18
C GLY A 100 3.56 0.56 -5.63
N ASN A 101 4.07 1.22 -6.67
CA ASN A 101 3.46 2.44 -7.22
C ASN A 101 3.55 3.63 -6.27
N GLY A 102 4.20 3.47 -5.12
CA GLY A 102 4.41 4.59 -4.22
C GLY A 102 5.86 4.67 -3.81
N GLY A 103 6.16 5.52 -2.82
CA GLY A 103 7.52 5.69 -2.39
C GLY A 103 8.27 6.64 -3.31
N MET A 104 9.57 6.40 -3.47
CA MET A 104 10.39 7.20 -4.35
C MET A 104 10.92 6.35 -5.49
N GLU A 105 11.29 7.02 -6.57
CA GLU A 105 11.69 6.31 -7.79
C GLU A 105 12.95 5.48 -7.56
N ASP A 106 13.89 5.98 -6.76
CA ASP A 106 15.21 5.35 -6.64
C ASP A 106 15.52 4.87 -5.21
N GLY A 107 14.50 4.60 -4.40
CA GLY A 107 14.72 4.00 -3.10
C GLY A 107 14.88 2.48 -3.19
N THR A 108 14.99 1.86 -2.03
CA THR A 108 15.15 0.41 -1.93
C THR A 108 13.79 -0.28 -1.96
N TYR A 109 13.58 -1.13 -2.96
CA TYR A 109 12.42 -2.01 -3.02
C TYR A 109 12.75 -3.27 -2.20
N VAL A 110 12.15 -3.38 -1.01
CA VAL A 110 12.42 -4.50 -0.12
C VAL A 110 11.54 -5.68 -0.49
N ALA A 111 10.25 -5.56 -0.26
CA ALA A 111 9.30 -6.63 -0.52
C ALA A 111 7.89 -6.10 -0.40
N SER A 112 6.95 -6.79 -1.04
CA SER A 112 5.55 -6.56 -0.74
C SER A 112 5.30 -6.95 0.72
N PRO A 113 4.26 -6.39 1.35
CA PRO A 113 3.92 -6.83 2.71
C PRO A 113 3.64 -8.32 2.82
N MET A 114 3.02 -8.91 1.80
CA MET A 114 2.70 -10.33 1.89
C MET A 114 3.96 -11.17 1.86
N GLY A 115 4.95 -10.75 1.06
CA GLY A 115 6.24 -11.44 1.10
C GLY A 115 6.86 -11.39 2.47
N VAL A 116 6.83 -10.22 3.11
CA VAL A 116 7.24 -10.10 4.51
C VAL A 116 6.44 -11.07 5.38
N ALA A 117 5.13 -11.15 5.17
CA ALA A 117 4.30 -12.02 5.99
C ALA A 117 4.68 -13.48 5.81
N ALA A 118 5.07 -13.86 4.59
CA ALA A 118 5.47 -15.24 4.32
C ALA A 118 6.73 -15.65 5.09
N THR A 119 7.58 -14.69 5.47
CA THR A 119 8.69 -15.03 6.36
C THR A 119 8.20 -15.47 7.73
N ASP A 120 6.98 -15.06 8.10
CA ASP A 120 6.41 -15.27 9.43
C ASP A 120 7.35 -14.82 10.54
N ASP A 121 8.17 -13.81 10.26
CA ASP A 121 9.06 -13.23 11.25
C ASP A 121 8.77 -11.74 11.33
N GLU A 122 8.24 -11.29 12.46
CA GLU A 122 7.89 -9.88 12.58
C GLU A 122 9.11 -8.98 12.49
N SER A 123 10.31 -9.51 12.73
CA SER A 123 11.50 -8.69 12.49
C SER A 123 11.59 -8.27 11.02
N SER A 124 11.07 -9.09 10.11
CA SER A 124 11.06 -8.71 8.70
C SER A 124 10.22 -7.45 8.49
N ALA A 125 9.08 -7.37 9.16
CA ALA A 125 8.22 -6.19 9.04
C ALA A 125 8.84 -4.99 9.73
N GLU A 126 9.51 -5.20 10.86
CA GLU A 126 10.24 -4.11 11.50
C GLU A 126 11.30 -3.56 10.56
N HIS A 127 12.03 -4.44 9.88
CA HIS A 127 13.03 -4.00 8.92
C HIS A 127 12.38 -3.27 7.75
N LEU A 128 11.27 -3.79 7.23
CA LEU A 128 10.54 -3.07 6.19
C LEU A 128 10.22 -1.65 6.63
N GLY A 129 9.65 -1.51 7.82
CA GLY A 129 9.31 -0.19 8.33
C GLY A 129 10.52 0.72 8.46
N GLU A 130 11.64 0.17 8.94
CA GLU A 130 12.87 0.95 9.04
C GLU A 130 13.30 1.48 7.67
N VAL A 131 13.28 0.63 6.65
CA VAL A 131 13.70 1.10 5.33
C VAL A 131 12.78 2.20 4.85
N CYS A 132 11.47 2.01 4.98
CA CYS A 132 10.53 3.02 4.54
C CYS A 132 10.80 4.35 5.22
N ALA A 133 10.89 4.34 6.54
CA ALA A 133 11.02 5.56 7.30
C ALA A 133 12.43 6.13 7.21
N SER A 134 13.44 5.25 7.20
CA SER A 134 14.82 5.72 7.08
C SER A 134 15.02 6.45 5.77
N GLU A 135 14.60 5.83 4.65
CA GLU A 135 14.80 6.46 3.35
C GLU A 135 13.84 7.63 3.14
N GLY A 136 12.60 7.49 3.60
CA GLY A 136 11.66 8.60 3.51
C GLY A 136 12.11 9.83 4.29
N SER A 137 12.53 9.62 5.54
CA SER A 137 12.88 10.76 6.38
C SER A 137 14.12 11.48 5.85
N ALA A 138 15.00 10.77 5.14
CA ALA A 138 16.18 11.43 4.56
C ALA A 138 15.80 12.55 3.61
N VAL A 139 14.66 12.43 2.94
CA VAL A 139 14.25 13.42 1.96
C VAL A 139 13.15 14.32 2.48
N GLY A 140 12.74 14.16 3.74
CA GLY A 140 11.78 15.07 4.37
C GLY A 140 10.42 14.48 4.65
N VAL A 141 10.16 13.25 4.25
CA VAL A 141 8.87 12.62 4.56
C VAL A 141 8.76 12.42 6.05
N ASN A 142 7.61 12.81 6.62
CA ASN A 142 7.36 12.61 8.04
C ASN A 142 6.07 11.84 8.31
N TRP A 143 5.46 11.26 7.28
CA TRP A 143 4.16 10.60 7.41
C TRP A 143 4.09 9.51 6.34
N THR A 144 4.06 8.24 6.74
CA THR A 144 3.85 7.16 5.79
C THR A 144 2.41 6.69 5.90
N TYR A 145 1.74 6.58 4.76
CA TYR A 145 0.36 6.13 4.70
C TYR A 145 0.31 4.61 4.80
N GLU A 146 0.92 4.07 5.86
CA GLU A 146 1.03 2.63 6.07
C GLU A 146 1.14 2.41 7.57
N PRO A 147 0.85 1.19 8.05
CA PRO A 147 0.61 -0.08 7.36
C PRO A 147 -0.83 -0.39 7.00
N ILE A 148 -0.94 -1.22 5.98
CA ILE A 148 -2.21 -1.79 5.54
C ILE A 148 -2.57 -2.93 6.47
N ILE A 149 -3.72 -2.80 7.14
CA ILE A 149 -4.20 -3.84 8.05
C ILE A 149 -5.52 -4.38 7.52
N ASP A 150 -5.73 -4.29 6.21
CA ASP A 150 -6.79 -5.06 5.58
C ASP A 150 -6.49 -6.54 5.70
N ILE A 151 -7.56 -7.33 5.67
CA ILE A 151 -7.47 -8.80 5.72
C ILE A 151 -7.73 -9.31 4.32
N ASP A 152 -6.83 -10.14 3.79
CA ASP A 152 -6.99 -10.68 2.43
C ASP A 152 -7.92 -11.89 2.44
N MET A 153 -9.17 -11.64 2.88
CA MET A 153 -10.17 -12.70 2.90
C MET A 153 -10.52 -13.15 1.48
N ASN A 154 -10.86 -12.20 0.61
CA ASN A 154 -11.45 -12.52 -0.67
C ASN A 154 -10.37 -12.58 -1.75
N PRO A 155 -10.02 -13.76 -2.28
CA PRO A 155 -8.89 -13.84 -3.21
C PRO A 155 -9.13 -13.18 -4.57
N GLU A 156 -10.36 -12.77 -4.90
CA GLU A 156 -10.61 -12.06 -6.16
C GLU A 156 -10.49 -10.55 -6.01
N ASN A 157 -10.21 -10.06 -4.81
CA ASN A 157 -10.07 -8.63 -4.61
C ASN A 157 -8.74 -8.17 -5.22
N PRO A 158 -8.75 -7.22 -6.15
CA PRO A 158 -7.50 -6.84 -6.83
C PRO A 158 -6.68 -5.79 -6.11
N ILE A 159 -7.21 -5.14 -5.07
CA ILE A 159 -6.55 -4.00 -4.45
C ILE A 159 -6.06 -4.31 -3.05
N THR A 160 -6.28 -5.54 -2.56
CA THR A 160 -5.68 -6.02 -1.34
C THR A 160 -4.48 -6.90 -1.68
N ASN A 161 -4.66 -8.22 -1.67
CA ASN A 161 -3.68 -9.14 -2.29
C ASN A 161 -2.33 -8.93 -1.62
N VAL A 162 -1.24 -8.77 -2.38
CA VAL A 162 0.08 -8.69 -1.77
C VAL A 162 0.31 -7.43 -0.98
N ARG A 163 -0.59 -6.45 -1.03
CA ARG A 163 -0.45 -5.26 -0.18
C ARG A 163 -0.76 -5.55 1.28
N THR A 164 -1.34 -6.71 1.58
CA THR A 164 -1.67 -7.10 2.93
C THR A 164 -0.63 -8.07 3.47
N TYR A 165 -0.70 -8.29 4.78
CA TYR A 165 0.04 -9.35 5.46
C TYR A 165 -0.71 -10.67 5.44
N GLY A 166 -1.62 -10.84 4.49
CA GLY A 166 -2.31 -12.10 4.33
C GLY A 166 -3.70 -12.11 4.94
N SER A 167 -4.18 -13.30 5.33
CA SER A 167 -5.56 -13.47 5.72
C SER A 167 -5.73 -13.86 7.19
N ASP A 168 -4.65 -13.88 7.98
CA ASP A 168 -4.76 -14.25 9.38
C ASP A 168 -4.68 -13.01 10.26
N PRO A 169 -5.76 -12.65 10.97
CA PRO A 169 -5.71 -11.43 11.80
C PRO A 169 -4.57 -11.38 12.78
N GLU A 170 -4.21 -12.51 13.41
CA GLU A 170 -3.15 -12.45 14.41
C GLU A 170 -1.80 -12.11 13.77
N ARG A 171 -1.55 -12.62 12.57
CA ARG A 171 -0.30 -12.28 11.89
C ARG A 171 -0.31 -10.83 11.41
N ILE A 172 -1.46 -10.35 10.92
CA ILE A 172 -1.58 -8.95 10.53
C ILE A 172 -1.22 -8.05 11.71
N ILE A 173 -1.77 -8.36 12.89
CA ILE A 173 -1.48 -7.56 14.08
C ILE A 173 0.01 -7.57 14.38
N ARG A 174 0.62 -8.76 14.37
CA ARG A 174 2.06 -8.86 14.67
C ARG A 174 2.87 -8.02 13.69
N MET A 175 2.61 -8.20 12.39
CA MET A 175 3.43 -7.57 11.36
C MET A 175 3.22 -6.06 11.34
N ALA A 176 1.97 -5.61 11.47
CA ALA A 176 1.69 -4.18 11.42
C ALA A 176 2.29 -3.45 12.62
N LYS A 177 2.22 -4.06 13.80
CA LYS A 177 2.85 -3.43 14.97
C LYS A 177 4.35 -3.30 14.78
N ALA A 178 4.98 -4.32 14.20
CA ALA A 178 6.41 -4.30 13.92
C ALA A 178 6.76 -3.25 12.88
N TYR A 179 5.98 -3.17 11.79
CA TYR A 179 6.19 -2.11 10.81
C TYR A 179 6.19 -0.76 11.50
N CYS A 180 5.20 -0.54 12.37
CA CYS A 180 5.13 0.74 13.07
C CYS A 180 6.33 0.95 13.97
N ARG A 181 6.81 -0.11 14.62
CA ARG A 181 8.01 0.04 15.45
C ARG A 181 9.17 0.56 14.61
N GLY A 182 9.35 0.01 13.41
CA GLY A 182 10.43 0.44 12.56
C GLY A 182 10.30 1.89 12.15
N CYS A 183 9.06 2.36 11.92
CA CYS A 183 8.87 3.73 11.48
C CYS A 183 9.13 4.71 12.62
N ARG A 184 8.67 4.39 13.83
CA ARG A 184 8.82 5.31 14.96
C ARG A 184 10.28 5.53 15.31
N LYS A 185 11.13 4.55 15.00
CA LYS A 185 12.56 4.72 15.22
C LYS A 185 13.11 5.87 14.39
N TRP A 186 12.45 6.24 13.30
CA TRP A 186 12.93 7.30 12.42
C TRP A 186 12.01 8.51 12.41
N GLY A 187 11.12 8.63 13.38
CA GLY A 187 10.34 9.85 13.54
C GLY A 187 9.28 10.06 12.49
N VAL A 188 8.75 8.99 11.91
CA VAL A 188 7.77 9.06 10.85
C VAL A 188 6.44 8.55 11.38
N LEU A 189 5.40 9.35 11.22
CA LEU A 189 4.06 8.96 11.61
C LEU A 189 3.55 7.82 10.72
N THR A 190 2.76 6.93 11.31
CA THR A 190 2.16 5.84 10.56
C THR A 190 0.65 6.03 10.44
N THR A 191 0.07 5.27 9.50
CA THR A 191 -1.34 5.37 9.12
C THR A 191 -1.89 3.97 8.96
N ILE A 192 -2.80 3.55 9.82
CA ILE A 192 -3.48 2.28 9.59
C ILE A 192 -4.62 2.49 8.61
N LYS A 193 -4.70 1.61 7.59
CA LYS A 193 -5.67 1.71 6.50
C LYS A 193 -6.00 0.29 6.06
N HIS A 194 -7.13 0.10 5.37
CA HIS A 194 -8.11 1.10 4.94
C HIS A 194 -9.42 0.90 5.73
N PHE A 195 -9.74 1.83 6.60
CA PHE A 195 -10.88 1.66 7.49
C PHE A 195 -12.18 1.92 6.74
N PRO A 196 -13.23 1.12 6.95
CA PRO A 196 -13.47 0.06 7.92
C PRO A 196 -12.98 -1.34 7.55
N GLY A 197 -12.26 -1.47 6.43
CA GLY A 197 -11.57 -2.71 6.14
C GLY A 197 -11.80 -3.27 4.76
N ASP A 198 -10.77 -3.22 3.92
CA ASP A 198 -10.89 -3.89 2.63
C ASP A 198 -10.61 -5.39 2.79
N GLY A 199 -10.98 -6.15 1.77
CA GLY A 199 -10.67 -7.56 1.68
C GLY A 199 -11.86 -8.49 1.77
N VAL A 200 -13.05 -8.00 2.10
CA VAL A 200 -14.26 -8.83 2.10
C VAL A 200 -14.90 -8.87 0.72
N ASP A 201 -15.15 -7.69 0.16
CA ASP A 201 -15.61 -7.53 -1.21
C ASP A 201 -14.53 -8.00 -2.18
N TYR A 202 -14.90 -8.12 -3.46
CA TYR A 202 -13.97 -8.44 -4.54
C TYR A 202 -13.77 -7.26 -5.48
N ARG A 203 -14.19 -6.06 -5.09
CA ARG A 203 -14.19 -4.92 -5.96
C ARG A 203 -13.35 -3.79 -5.38
N ASP A 204 -12.95 -2.87 -6.26
CA ASP A 204 -11.96 -1.84 -5.97
C ASP A 204 -12.65 -0.51 -5.68
N GLN A 205 -12.38 0.05 -4.49
CA GLN A 205 -12.96 1.32 -4.10
C GLN A 205 -12.50 2.49 -4.98
N HIS A 206 -11.43 2.29 -5.76
CA HIS A 206 -11.06 3.25 -6.78
C HIS A 206 -12.16 3.42 -7.82
N LEU A 207 -12.99 2.38 -8.02
CA LEU A 207 -13.97 2.33 -9.10
C LEU A 207 -15.42 2.36 -8.62
N MET A 208 -15.65 2.31 -7.31
CA MET A 208 -17.00 2.24 -6.75
C MET A 208 -16.83 2.30 -5.24
N SER A 209 -17.96 2.38 -4.52
CA SER A 209 -17.93 2.23 -3.06
C SER A 209 -18.09 0.75 -2.74
N SER A 210 -16.97 0.07 -2.46
CA SER A 210 -17.01 -1.34 -2.16
C SER A 210 -17.57 -1.56 -0.75
N VAL A 211 -17.92 -2.81 -0.46
CA VAL A 211 -18.78 -3.11 0.69
C VAL A 211 -18.16 -4.23 1.51
N ASN A 212 -17.90 -3.95 2.79
CA ASN A 212 -17.56 -4.95 3.80
C ASN A 212 -18.89 -5.42 4.39
N ASN A 213 -19.35 -6.61 3.98
CA ASN A 213 -20.69 -7.06 4.29
C ASN A 213 -20.73 -8.11 5.40
N LEU A 214 -19.66 -8.23 6.17
CA LEU A 214 -19.69 -9.07 7.35
C LEU A 214 -20.82 -8.60 8.28
N SER A 215 -21.34 -9.52 9.07
CA SER A 215 -22.21 -9.13 10.17
C SER A 215 -21.45 -8.22 11.11
N ALA A 216 -22.20 -7.45 11.91
CA ALA A 216 -21.55 -6.58 12.89
C ALA A 216 -20.65 -7.39 13.80
N ASP A 217 -21.12 -8.55 14.28
CA ASP A 217 -20.32 -9.39 15.17
C ASP A 217 -19.10 -9.95 14.43
N GLU A 218 -19.29 -10.45 13.21
CA GLU A 218 -18.16 -10.95 12.44
C GLU A 218 -17.11 -9.85 12.23
N TRP A 219 -17.55 -8.64 11.87
CA TRP A 219 -16.61 -7.55 11.66
C TRP A 219 -15.89 -7.22 12.96
N MET A 220 -16.64 -7.11 14.05
CA MET A 220 -16.04 -6.78 15.33
C MET A 220 -14.95 -7.79 15.70
N ASP A 221 -15.19 -9.08 15.42
CA ASP A 221 -14.26 -10.13 15.81
C ASP A 221 -13.02 -10.22 14.92
N THR A 222 -13.03 -9.58 13.76
CA THR A 222 -11.89 -9.64 12.84
C THR A 222 -11.30 -8.24 12.63
N TYR A 223 -11.92 -7.43 11.77
CA TYR A 223 -11.40 -6.08 11.54
C TYR A 223 -11.36 -5.27 12.84
N GLY A 224 -12.44 -5.31 13.62
CA GLY A 224 -12.46 -4.54 14.86
C GLY A 224 -11.36 -4.95 15.81
N ARG A 225 -11.06 -6.25 15.89
CA ARG A 225 -9.98 -6.71 16.74
C ARG A 225 -8.64 -6.14 16.29
N ILE A 226 -8.41 -6.08 14.98
CA ILE A 226 -7.14 -5.56 14.47
C ILE A 226 -7.04 -4.06 14.72
N TYR A 227 -8.08 -3.31 14.35
CA TYR A 227 -8.04 -1.87 14.60
C TYR A 227 -7.82 -1.56 16.07
N GLN A 228 -8.52 -2.26 16.96
CA GLN A 228 -8.33 -2.05 18.39
C GLN A 228 -6.88 -2.30 18.79
N ALA A 229 -6.26 -3.35 18.25
CA ALA A 229 -4.89 -3.69 18.63
C ALA A 229 -3.89 -2.63 18.20
N LEU A 230 -4.05 -2.09 16.97
CA LEU A 230 -3.12 -1.06 16.51
C LEU A 230 -3.39 0.28 17.19
N ILE A 231 -4.65 0.57 17.51
CA ILE A 231 -4.96 1.78 18.25
C ILE A 231 -4.27 1.76 19.61
N GLU A 232 -4.41 0.66 20.33
CA GLU A 232 -3.77 0.55 21.64
C GLU A 232 -2.26 0.59 21.52
N ASP A 233 -1.72 0.08 20.41
CA ASP A 233 -0.28 0.11 20.18
C ASP A 233 0.24 1.51 19.91
N GLY A 234 -0.64 2.50 19.72
CA GLY A 234 -0.21 3.88 19.53
C GLY A 234 -0.25 4.40 18.10
N ALA A 235 -0.99 3.75 17.20
CA ALA A 235 -1.13 4.25 15.85
C ALA A 235 -1.47 5.74 15.85
N GLU A 236 -0.69 6.52 15.12
CA GLU A 236 -0.82 7.98 15.18
C GLU A 236 -1.98 8.47 14.32
N THR A 237 -2.14 7.89 13.13
CA THR A 237 -3.17 8.34 12.20
C THR A 237 -3.86 7.13 11.61
N LEU A 238 -5.04 7.37 11.06
CA LEU A 238 -5.90 6.34 10.47
C LEU A 238 -6.52 6.91 9.20
N MET A 239 -6.61 6.08 8.17
CA MET A 239 -7.17 6.50 6.89
C MET A 239 -8.55 5.87 6.72
N SER A 240 -9.56 6.72 6.64
CA SER A 240 -10.95 6.28 6.43
C SER A 240 -11.24 6.26 4.94
N ALA A 241 -11.54 5.08 4.41
CA ALA A 241 -11.60 4.85 2.98
C ALA A 241 -13.03 4.78 2.50
N HIS A 242 -13.19 4.54 1.21
CA HIS A 242 -14.49 4.65 0.56
C HIS A 242 -15.19 3.30 0.52
N ILE A 243 -15.23 2.68 1.69
CA ILE A 243 -15.75 1.34 1.89
C ILE A 243 -16.90 1.43 2.88
N ARG A 244 -18.02 0.79 2.56
CA ARG A 244 -19.16 0.74 3.47
C ARG A 244 -19.08 -0.50 4.35
N GLN A 245 -19.66 -0.38 5.56
CA GLN A 245 -19.91 -1.53 6.44
C GLN A 245 -21.35 -1.38 6.90
N PRO A 246 -22.31 -1.77 6.07
CA PRO A 246 -23.71 -1.49 6.40
C PRO A 246 -24.17 -2.10 7.71
N ASN A 247 -23.68 -3.29 8.05
CA ASN A 247 -24.18 -3.98 9.24
C ASN A 247 -23.65 -3.33 10.51
N VAL A 248 -22.40 -2.88 10.49
CA VAL A 248 -21.88 -2.11 11.62
C VAL A 248 -22.60 -0.77 11.71
N THR A 249 -22.85 -0.14 10.57
CA THR A 249 -23.56 1.13 10.55
C THR A 249 -24.95 0.97 11.19
N ARG A 250 -25.68 -0.08 10.82
CA ARG A 250 -27.00 -0.29 11.41
C ARG A 250 -26.92 -0.65 12.89
N MET A 251 -25.83 -1.29 13.33
CA MET A 251 -25.67 -1.54 14.76
C MET A 251 -25.64 -0.23 15.53
N VAL A 252 -24.92 0.76 15.01
CA VAL A 252 -24.86 2.06 15.65
C VAL A 252 -26.19 2.80 15.54
N ASN A 253 -26.84 2.70 14.37
CA ASN A 253 -28.03 3.49 14.04
C ASN A 253 -29.05 2.54 13.43
N PRO A 254 -29.80 1.82 14.26
CA PRO A 254 -30.72 0.79 13.72
C PRO A 254 -31.73 1.31 12.73
N LEU A 255 -32.08 2.59 12.77
CA LEU A 255 -33.12 3.13 11.91
C LEU A 255 -32.58 3.70 10.61
N ILE A 256 -31.26 3.66 10.39
CA ILE A 256 -30.69 4.24 9.19
C ILE A 256 -31.29 3.56 7.96
N LYS A 257 -31.59 4.35 6.96
CA LYS A 257 -32.07 3.82 5.70
C LYS A 257 -30.90 3.51 4.77
N ASP A 258 -31.07 2.46 3.97
CA ASP A 258 -29.99 1.98 3.10
C ASP A 258 -29.32 3.13 2.35
N GLU A 259 -30.13 4.04 1.79
CA GLU A 259 -29.58 5.14 0.99
C GLU A 259 -28.78 6.11 1.83
N GLU A 260 -28.96 6.11 3.15
CA GLU A 260 -28.20 6.98 4.04
C GLU A 260 -26.88 6.36 4.47
N ILE A 261 -26.64 5.08 4.18
CA ILE A 261 -25.41 4.42 4.60
C ILE A 261 -24.26 4.90 3.74
N MET A 262 -23.27 5.51 4.37
CA MET A 262 -22.14 6.12 3.67
C MET A 262 -20.88 5.30 3.86
N PRO A 263 -19.92 5.43 2.94
CA PRO A 263 -18.61 4.81 3.17
C PRO A 263 -17.91 5.48 4.33
N GLY A 264 -16.89 4.78 4.84
CA GLY A 264 -16.10 5.27 5.96
C GLY A 264 -15.78 6.73 5.89
N SER A 265 -15.31 7.18 4.72
CA SER A 265 -14.84 8.54 4.56
C SER A 265 -15.94 9.58 4.70
N LEU A 266 -17.21 9.17 4.73
CA LEU A 266 -18.34 10.07 4.86
C LEU A 266 -19.26 9.71 6.02
N SER A 267 -18.92 8.70 6.83
CA SER A 267 -19.87 8.06 7.74
C SER A 267 -19.62 8.49 9.18
N LYS A 268 -20.63 9.14 9.77
CA LYS A 268 -20.52 9.51 11.18
C LYS A 268 -20.61 8.28 12.08
N GLU A 269 -21.42 7.29 11.71
CA GLU A 269 -21.51 6.06 12.50
C GLU A 269 -20.16 5.37 12.60
N LEU A 270 -19.42 5.32 11.51
CA LEU A 270 -18.14 4.59 11.53
C LEU A 270 -17.03 5.42 12.17
N MET A 271 -16.92 6.70 11.79
CA MET A 271 -15.81 7.51 12.32
C MET A 271 -16.09 8.01 13.74
N GLN A 272 -17.31 8.44 14.01
CA GLN A 272 -17.59 8.98 15.34
C GLN A 272 -18.14 7.89 16.27
N GLY A 273 -19.08 7.09 15.78
CA GLY A 273 -19.67 6.05 16.61
C GLY A 273 -18.69 4.94 16.95
N ILE A 274 -18.00 4.39 15.95
CA ILE A 274 -17.10 3.26 16.19
C ILE A 274 -15.71 3.75 16.60
N LEU A 275 -15.05 4.53 15.74
CA LEU A 275 -13.65 4.87 15.99
C LEU A 275 -13.49 5.75 17.23
N ARG A 276 -14.12 6.93 17.22
CA ARG A 276 -13.99 7.84 18.36
C ARG A 276 -14.72 7.29 19.58
N GLY A 277 -15.91 6.75 19.39
CA GLY A 277 -16.74 6.34 20.49
C GLY A 277 -16.30 5.00 21.06
N ARG A 278 -16.61 3.93 20.33
CA ARG A 278 -16.39 2.59 20.88
C ARG A 278 -14.91 2.28 21.07
N PHE A 279 -14.06 2.62 20.09
CA PHE A 279 -12.63 2.28 20.18
C PHE A 279 -11.78 3.38 20.80
N HIS A 280 -12.34 4.57 21.04
CA HIS A 280 -11.60 5.67 21.66
C HIS A 280 -10.30 5.96 20.93
N PHE A 281 -10.33 5.88 19.60
CA PHE A 281 -9.19 6.32 18.82
C PHE A 281 -9.05 7.83 18.98
N ASN A 282 -7.83 8.26 19.31
CA ASN A 282 -7.58 9.66 19.63
C ASN A 282 -6.66 10.34 18.64
N GLY A 283 -6.18 9.62 17.63
CA GLY A 283 -5.26 10.17 16.64
C GLY A 283 -5.96 10.87 15.49
N LEU A 284 -5.18 11.13 14.45
CA LEU A 284 -5.66 11.88 13.29
C LEU A 284 -6.36 10.95 12.30
N ILE A 285 -7.53 11.36 11.83
CA ILE A 285 -8.27 10.63 10.80
C ILE A 285 -8.16 11.41 9.50
N CYS A 286 -7.67 10.76 8.45
CA CYS A 286 -7.68 11.35 7.11
C CYS A 286 -8.49 10.47 6.18
N THR A 287 -9.02 11.07 5.13
CA THR A 287 -9.74 10.29 4.14
C THR A 287 -8.74 9.65 3.17
N ASP A 288 -9.20 8.59 2.51
CA ASP A 288 -8.52 8.16 1.31
C ASP A 288 -8.77 9.19 0.22
N ALA A 289 -7.96 9.12 -0.84
CA ALA A 289 -7.99 10.12 -1.90
C ALA A 289 -9.41 10.40 -2.39
N THR A 290 -9.78 11.69 -2.38
CA THR A 290 -11.18 12.08 -2.59
C THR A 290 -11.59 12.13 -4.06
N GLN A 291 -10.68 11.94 -5.01
CA GLN A 291 -11.09 11.93 -6.41
C GLN A 291 -11.49 10.55 -6.88
N MET A 292 -11.44 9.56 -5.99
CA MET A 292 -11.76 8.21 -6.40
C MET A 292 -13.26 8.00 -6.43
N VAL A 293 -13.67 7.08 -7.31
CA VAL A 293 -15.09 6.89 -7.60
C VAL A 293 -15.85 6.56 -6.33
N GLY A 294 -15.28 5.73 -5.46
CA GLY A 294 -15.95 5.38 -4.23
C GLY A 294 -16.37 6.58 -3.41
N TYR A 295 -15.58 7.66 -3.46
CA TYR A 295 -15.97 8.90 -2.80
C TYR A 295 -16.94 9.70 -3.65
N THR A 296 -16.56 9.96 -4.91
CA THR A 296 -17.31 10.92 -5.72
C THR A 296 -18.73 10.46 -5.99
N CYS A 297 -18.95 9.16 -6.09
CA CYS A 297 -20.27 8.64 -6.44
C CYS A 297 -21.22 8.55 -5.25
N SER A 298 -20.75 8.83 -4.04
CA SER A 298 -21.57 8.58 -2.87
C SER A 298 -22.43 9.75 -2.46
N MET A 299 -22.12 10.96 -2.93
CA MET A 299 -22.75 12.18 -2.45
C MET A 299 -22.33 13.31 -3.38
N PRO A 300 -23.18 14.31 -3.61
CA PRO A 300 -22.71 15.48 -4.38
C PRO A 300 -21.49 16.08 -3.73
N ARG A 301 -20.49 16.39 -4.55
CA ARG A 301 -19.19 16.77 -4.00
C ARG A 301 -19.28 18.01 -3.11
N HIS A 302 -20.07 19.00 -3.51
CA HIS A 302 -20.12 20.25 -2.73
CA HIS A 302 -20.15 20.25 -2.74
C HIS A 302 -20.62 19.98 -1.31
N GLU A 303 -21.47 18.97 -1.12
CA GLU A 303 -21.88 18.56 0.21
C GLU A 303 -20.86 17.63 0.86
N ALA A 304 -20.18 16.79 0.07
CA ALA A 304 -19.38 15.70 0.63
C ALA A 304 -18.17 16.25 1.39
N LEU A 305 -17.47 17.21 0.82
CA LEU A 305 -16.20 17.65 1.40
C LEU A 305 -16.38 18.16 2.82
N PRO A 306 -17.27 19.11 3.10
CA PRO A 306 -17.47 19.51 4.51
C PRO A 306 -18.09 18.43 5.35
N THR A 307 -18.91 17.56 4.74
CA THR A 307 -19.56 16.51 5.52
C THR A 307 -18.55 15.50 6.03
N SER A 308 -17.53 15.17 5.23
CA SER A 308 -16.49 14.27 5.73
C SER A 308 -15.89 14.81 7.02
N ILE A 309 -15.57 16.11 7.03
CA ILE A 309 -14.98 16.70 8.22
C ILE A 309 -15.97 16.72 9.36
N GLN A 310 -17.20 17.17 9.10
CA GLN A 310 -18.21 17.21 10.14
C GLN A 310 -18.43 15.83 10.76
N ASN A 311 -18.36 14.77 9.95
CA ASN A 311 -18.68 13.45 10.43
C ASN A 311 -17.48 12.71 11.02
N GLY A 312 -16.32 13.35 11.12
CA GLY A 312 -15.24 12.81 11.92
C GLY A 312 -13.87 12.78 11.29
N ALA A 313 -13.77 13.06 9.99
CA ALA A 313 -12.46 13.15 9.35
C ALA A 313 -11.79 14.46 9.74
N ASP A 314 -10.48 14.39 9.99
CA ASP A 314 -9.71 15.59 10.28
C ASP A 314 -9.09 16.20 9.03
N MET A 315 -8.85 15.39 8.00
CA MET A 315 -8.16 15.85 6.81
C MET A 315 -8.71 15.19 5.57
N LEU A 316 -8.86 16.00 4.51
CA LEU A 316 -9.25 15.53 3.19
C LEU A 316 -8.00 15.29 2.37
N THR A 317 -7.88 14.11 1.80
CA THR A 317 -6.68 13.72 1.05
C THR A 317 -6.94 13.99 -0.43
N PHE A 318 -6.38 15.09 -0.91
CA PHE A 318 -6.35 15.46 -2.33
C PHE A 318 -7.61 16.17 -2.76
N THR A 319 -7.48 17.02 -3.78
CA THR A 319 -8.59 17.76 -4.36
C THR A 319 -8.77 17.31 -5.80
N LEU A 320 -9.93 17.66 -6.36
CA LEU A 320 -10.23 17.39 -7.76
C LEU A 320 -9.98 18.67 -8.56
N ASN A 321 -10.95 19.57 -8.56
CA ASN A 321 -10.71 20.96 -8.94
C ASN A 321 -10.45 21.75 -7.67
N PRO A 322 -9.24 22.28 -7.44
CA PRO A 322 -8.94 22.85 -6.12
C PRO A 322 -9.69 24.13 -5.81
N THR A 323 -9.95 24.99 -6.79
CA THR A 323 -10.76 26.17 -6.54
C THR A 323 -12.15 25.77 -6.09
N GLU A 324 -12.76 24.81 -6.80
CA GLU A 324 -14.11 24.39 -6.47
C GLU A 324 -14.17 23.71 -5.10
N ASP A 325 -13.20 22.83 -4.83
CA ASP A 325 -13.19 22.11 -3.56
C ASP A 325 -13.06 23.07 -2.38
N PHE A 326 -12.18 24.06 -2.50
CA PHE A 326 -12.01 24.99 -1.39
C PHE A 326 -13.25 25.85 -1.22
N LYS A 327 -13.85 26.30 -2.32
CA LYS A 327 -15.10 27.02 -2.24
C LYS A 327 -16.19 26.19 -1.58
N ALA A 328 -16.23 24.88 -1.86
CA ALA A 328 -17.21 24.02 -1.20
C ALA A 328 -16.99 24.00 0.31
N LEU A 329 -15.74 23.99 0.75
CA LEU A 329 -15.45 24.02 2.17
C LEU A 329 -15.84 25.38 2.77
N GLN A 330 -15.52 26.47 2.09
CA GLN A 330 -15.91 27.78 2.58
C GLN A 330 -17.42 27.87 2.76
N GLU A 331 -18.16 27.41 1.76
CA GLU A 331 -19.62 27.50 1.81
C GLU A 331 -20.21 26.52 2.80
N GLY A 332 -19.61 25.33 2.95
CA GLY A 332 -20.04 24.40 3.97
C GLY A 332 -19.88 24.96 5.37
N LEU A 333 -18.78 25.68 5.62
CA LEU A 333 -18.60 26.34 6.91
C LEU A 333 -19.61 27.46 7.11
N SER A 334 -19.84 28.28 6.10
CA SER A 334 -20.72 29.43 6.30
C SER A 334 -22.17 29.01 6.48
N CYS A 335 -22.61 27.94 5.81
CA CYS A 335 -24.00 27.52 5.85
C CYS A 335 -24.29 26.39 6.85
N GLY A 336 -23.28 25.91 7.58
CA GLY A 336 -23.52 24.97 8.66
C GLY A 336 -23.39 23.50 8.33
N LEU A 337 -22.99 23.13 7.11
CA LEU A 337 -22.63 21.73 6.87
C LEU A 337 -21.42 21.33 7.70
N LEU A 338 -20.53 22.28 7.96
CA LEU A 338 -19.39 22.09 8.83
C LEU A 338 -19.45 23.16 9.91
N THR A 339 -19.39 22.75 11.16
CA THR A 339 -19.45 23.72 12.25
C THR A 339 -18.08 24.31 12.52
N HIS A 340 -18.07 25.55 12.99
CA HIS A 340 -16.83 26.19 13.40
C HIS A 340 -16.16 25.43 14.54
N GLU A 341 -16.96 24.77 15.38
CA GLU A 341 -16.42 24.06 16.51
C GLU A 341 -15.74 22.77 16.07
N ARG A 342 -16.31 22.09 15.09
CA ARG A 342 -15.68 20.90 14.53
C ARG A 342 -14.46 21.26 13.69
N LEU A 343 -14.51 22.39 12.97
CA LEU A 343 -13.33 22.87 12.25
C LEU A 343 -12.16 23.05 13.19
N ASP A 344 -12.38 23.71 14.33
CA ASP A 344 -11.30 23.96 15.27
C ASP A 344 -10.75 22.66 15.84
N GLU A 345 -11.61 21.66 16.02
CA GLU A 345 -11.17 20.40 16.60
C GLU A 345 -10.35 19.60 15.60
N ALA A 346 -10.74 19.63 14.32
CA ALA A 346 -9.94 18.98 13.30
C ALA A 346 -8.56 19.62 13.19
N VAL A 347 -8.53 20.95 13.11
CA VAL A 347 -7.25 21.65 12.97
C VAL A 347 -6.37 21.45 14.20
N ALA A 348 -6.99 21.36 15.38
CA ALA A 348 -6.20 21.10 16.59
C ALA A 348 -5.48 19.77 16.48
N ARG A 349 -6.14 18.74 15.94
CA ARG A 349 -5.49 17.44 15.81
C ARG A 349 -4.42 17.45 14.72
N ILE A 350 -4.60 18.27 13.69
CA ILE A 350 -3.57 18.43 12.65
C ILE A 350 -2.35 19.13 13.23
N LEU A 351 -2.55 20.30 13.83
CA LEU A 351 -1.45 21.02 14.44
C LEU A 351 -0.78 20.19 15.52
N GLY A 352 -1.54 19.38 16.25
CA GLY A 352 -0.96 18.59 17.30
C GLY A 352 0.04 17.57 16.78
N MET A 353 -0.22 17.00 15.59
CA MET A 353 0.74 16.07 15.04
C MET A 353 1.98 16.80 14.54
N LYS A 354 1.81 18.02 14.05
CA LYS A 354 2.96 18.84 13.66
C LYS A 354 3.82 19.18 14.88
N ALA A 355 3.17 19.48 16.01
CA ALA A 355 3.91 19.71 17.25
C ALA A 355 4.55 18.42 17.76
N LYS A 356 3.86 17.29 17.61
CA LYS A 356 4.44 16.01 18.04
C LYS A 356 5.76 15.75 17.32
N LEU A 357 5.80 16.05 16.03
CA LEU A 357 7.01 15.91 15.22
C LEU A 357 8.03 17.01 15.48
N ARG A 358 7.67 18.03 16.25
CA ARG A 358 8.52 19.18 16.52
C ARG A 358 8.92 19.88 15.23
N LEU A 359 7.98 20.00 14.29
CA LEU A 359 8.26 20.74 13.07
C LEU A 359 8.41 22.23 13.36
N PRO A 360 7.62 22.81 14.28
CA PRO A 360 7.74 24.25 14.50
C PRO A 360 9.11 24.69 14.97
N GLU A 361 9.79 23.84 15.75
CA GLU A 361 11.06 24.19 16.36
C GLU A 361 12.26 23.68 15.56
N ARG A 362 12.04 23.02 14.42
CA ARG A 362 13.14 22.50 13.63
C ARG A 362 13.84 23.65 12.90
N LYS A 363 15.15 23.79 13.11
CA LYS A 363 15.91 24.87 12.47
C LYS A 363 16.17 24.56 11.00
N ASP A 364 16.57 23.32 10.70
CA ASP A 364 16.70 22.87 9.33
C ASP A 364 15.44 22.10 8.94
N VAL A 365 15.09 22.18 7.66
CA VAL A 365 13.84 21.61 7.17
C VAL A 365 14.03 20.21 6.60
N VAL A 366 15.26 19.79 6.37
CA VAL A 366 15.58 18.40 6.02
C VAL A 366 16.81 17.99 6.82
N PRO A 367 17.05 16.68 6.94
CA PRO A 367 18.26 16.23 7.63
C PRO A 367 19.49 16.58 6.83
N PRO A 368 20.68 16.47 7.42
CA PRO A 368 21.91 16.73 6.65
C PRO A 368 21.98 15.87 5.40
N LEU A 369 22.70 16.37 4.40
CA LEU A 369 22.91 15.63 3.15
C LEU A 369 23.40 14.22 3.44
N HIS A 370 24.20 14.06 4.49
CA HIS A 370 24.71 12.75 4.92
C HIS A 370 23.60 11.71 5.04
N ALA A 371 22.38 12.14 5.38
CA ALA A 371 21.28 11.19 5.57
C ALA A 371 20.92 10.49 4.27
N MET A 372 21.15 11.13 3.14
CA MET A 372 20.81 10.53 1.85
C MET A 372 21.59 9.24 1.59
N GLU A 373 22.73 9.06 2.25
CA GLU A 373 23.51 7.85 2.07
C GLU A 373 22.81 6.60 2.58
N ARG A 374 21.75 6.75 3.38
CA ARG A 374 20.98 5.60 3.82
C ARG A 374 20.17 4.99 2.69
N ILE A 375 19.87 5.77 1.65
CA ILE A 375 19.02 5.29 0.57
C ILE A 375 19.83 4.33 -0.29
N GLN A 376 19.27 3.15 -0.54
CA GLN A 376 19.95 2.04 -1.23
C GLN A 376 21.25 1.68 -0.53
N SER A 377 21.26 1.81 0.80
CA SER A 377 22.44 1.44 1.57
C SER A 377 22.62 -0.08 1.57
N LYS A 378 23.85 -0.51 1.89
CA LYS A 378 24.13 -1.94 1.92
C LYS A 378 23.23 -2.65 2.93
N LYS A 379 23.00 -2.02 4.09
CA LYS A 379 22.13 -2.60 5.09
C LYS A 379 20.74 -2.87 4.53
N HIS A 380 20.18 -1.89 3.82
CA HIS A 380 18.82 -2.05 3.30
C HIS A 380 18.76 -3.12 2.22
N LYS A 381 19.75 -3.14 1.31
CA LYS A 381 19.79 -4.17 0.29
C LYS A 381 19.94 -5.55 0.91
N LYS A 382 20.73 -5.64 1.99
CA LYS A 382 20.91 -6.91 2.68
C LYS A 382 19.61 -7.42 3.26
N TRP A 383 18.82 -6.54 3.88
CA TRP A 383 17.52 -6.96 4.42
C TRP A 383 16.60 -7.46 3.33
N ALA A 384 16.63 -6.82 2.15
CA ALA A 384 15.80 -7.28 1.05
C ALA A 384 16.19 -8.69 0.63
N LEU A 385 17.49 -9.00 0.64
CA LEU A 385 17.93 -10.34 0.28
C LEU A 385 17.51 -11.37 1.33
N GLU A 386 17.63 -11.02 2.61
CA GLU A 386 17.20 -11.94 3.67
C GLU A 386 15.71 -12.23 3.56
N ILE A 387 14.90 -11.20 3.33
CA ILE A 387 13.46 -11.41 3.25
C ILE A 387 13.10 -12.29 2.06
N ALA A 388 13.77 -12.07 0.91
CA ALA A 388 13.53 -12.94 -0.22
C ALA A 388 13.92 -14.38 0.12
N ASP A 389 15.07 -14.56 0.77
CA ASP A 389 15.49 -15.90 1.17
C ASP A 389 14.44 -16.56 2.05
N GLU A 390 13.83 -15.80 2.96
CA GLU A 390 12.89 -16.38 3.91
C GLU A 390 11.47 -16.47 3.37
N SER A 391 11.14 -15.73 2.31
CA SER A 391 9.75 -15.58 1.90
C SER A 391 9.30 -16.59 0.84
N ILE A 392 10.17 -16.93 -0.10
CA ILE A 392 9.73 -17.68 -1.28
C ILE A 392 9.16 -19.01 -0.84
N THR A 393 7.99 -19.35 -1.37
CA THR A 393 7.16 -20.43 -0.83
C THR A 393 6.94 -21.50 -1.90
N LEU A 394 7.35 -22.73 -1.59
CA LEU A 394 7.03 -23.89 -2.43
C LEU A 394 5.61 -24.34 -2.07
N VAL A 395 4.64 -24.07 -2.96
CA VAL A 395 3.23 -24.33 -2.66
C VAL A 395 2.82 -25.73 -3.07
N LYS A 396 3.20 -26.12 -4.29
CA LYS A 396 2.78 -27.37 -4.88
C LYS A 396 3.99 -27.99 -5.55
N ASP A 397 4.27 -29.25 -5.23
CA ASP A 397 5.49 -29.92 -5.65
C ASP A 397 5.17 -31.38 -5.97
N LYS A 398 4.32 -31.59 -6.98
CA LYS A 398 3.83 -32.91 -7.33
C LYS A 398 4.42 -33.42 -8.64
N GLN A 399 5.66 -33.04 -8.91
CA GLN A 399 6.38 -33.38 -10.14
C GLN A 399 7.66 -34.09 -9.72
N LYS A 400 7.58 -35.41 -9.54
CA LYS A 400 8.69 -36.16 -8.97
C LYS A 400 9.98 -35.92 -9.73
N GLY A 401 11.03 -35.55 -9.01
CA GLY A 401 12.33 -35.35 -9.60
C GLY A 401 12.55 -34.04 -10.31
N LEU A 402 11.55 -33.15 -10.34
CA LEU A 402 11.73 -31.88 -11.06
C LEU A 402 12.82 -31.05 -10.40
N LEU A 403 12.63 -30.73 -9.09
CA LEU A 403 13.57 -29.91 -8.35
C LEU A 403 14.59 -30.78 -7.62
N PRO A 404 15.84 -30.31 -7.49
CA PRO A 404 16.33 -29.05 -8.05
C PRO A 404 16.57 -29.13 -9.56
N LEU A 405 16.41 -27.99 -10.23
CA LEU A 405 16.66 -27.94 -11.67
C LEU A 405 18.14 -28.16 -11.96
N SER A 406 18.40 -28.76 -13.13
CA SER A 406 19.74 -29.04 -13.59
C SER A 406 19.76 -29.05 -15.12
N PRO A 407 20.73 -28.38 -15.76
CA PRO A 407 20.86 -28.51 -17.22
C PRO A 407 20.99 -29.96 -17.67
N GLN A 408 21.47 -30.85 -16.81
CA GLN A 408 21.60 -32.26 -17.18
C GLN A 408 20.31 -33.03 -17.03
N LYS A 409 19.27 -32.41 -16.45
CA LYS A 409 17.92 -32.96 -16.49
C LYS A 409 17.03 -32.27 -17.51
N THR A 410 17.16 -30.95 -17.69
CA THR A 410 16.30 -30.20 -18.62
C THR A 410 17.14 -29.06 -19.24
N LYS A 411 17.79 -29.36 -20.36
CA LYS A 411 18.70 -28.39 -20.97
C LYS A 411 17.94 -27.22 -21.59
N ARG A 412 16.89 -27.49 -22.36
CA ARG A 412 16.22 -26.48 -23.15
C ARG A 412 14.95 -26.00 -22.44
N ILE A 413 14.87 -24.69 -22.18
CA ILE A 413 13.79 -24.09 -21.43
C ILE A 413 13.11 -23.05 -22.30
N ILE A 414 11.79 -23.06 -22.29
CA ILE A 414 11.00 -21.98 -22.85
C ILE A 414 10.47 -21.16 -21.68
N LEU A 415 10.78 -19.86 -21.68
CA LEU A 415 10.40 -18.96 -20.61
C LEU A 415 9.20 -18.14 -21.09
N VAL A 416 8.12 -18.18 -20.32
CA VAL A 416 6.85 -17.59 -20.70
C VAL A 416 6.55 -16.49 -19.70
N GLN A 417 6.62 -15.25 -20.15
CA GLN A 417 6.26 -14.12 -19.32
C GLN A 417 4.76 -13.91 -19.37
N ALA A 418 4.17 -13.67 -18.20
CA ALA A 418 2.76 -13.28 -18.10
C ALA A 418 2.67 -12.13 -17.13
N THR A 419 2.16 -11.00 -17.59
CA THR A 419 2.14 -9.80 -16.76
C THR A 419 1.07 -8.86 -17.27
N ASN A 420 0.60 -7.99 -16.37
CA ASN A 420 -0.30 -6.91 -16.73
C ASN A 420 0.43 -5.57 -16.83
N GLU A 421 1.74 -5.55 -16.64
CA GLU A 421 2.55 -4.38 -16.92
C GLU A 421 2.84 -4.31 -18.43
N LYS A 422 3.33 -3.16 -18.86
CA LYS A 422 3.62 -2.90 -20.27
C LYS A 422 5.02 -2.30 -20.37
N PRO A 423 6.05 -3.10 -20.08
CA PRO A 423 7.42 -2.57 -20.12
C PRO A 423 7.87 -2.30 -21.55
N GLU A 424 8.69 -1.26 -21.70
CA GLU A 424 9.28 -0.98 -23.00
C GLU A 424 10.11 -2.18 -23.46
N GLY A 425 9.90 -2.60 -24.70
CA GLY A 425 10.56 -3.78 -25.23
C GLY A 425 9.81 -5.07 -24.99
N GLY A 426 8.72 -5.05 -24.22
CA GLY A 426 7.88 -6.20 -24.02
C GLY A 426 8.23 -7.07 -22.83
N TYR A 427 9.47 -7.04 -22.35
CA TYR A 427 9.91 -7.94 -21.29
C TYR A 427 10.29 -7.17 -20.04
N LEU A 428 9.78 -7.62 -18.90
CA LEU A 428 10.14 -7.03 -17.62
C LEU A 428 11.63 -7.14 -17.38
N SER A 429 12.22 -6.07 -16.85
CA SER A 429 13.62 -6.10 -16.49
C SER A 429 13.94 -7.30 -15.58
N GLU A 430 13.05 -7.61 -14.65
CA GLU A 430 13.33 -8.69 -13.72
C GLU A 430 13.25 -10.05 -14.39
N ALA A 431 12.40 -10.18 -15.42
CA ALA A 431 12.35 -11.44 -16.17
C ALA A 431 13.57 -11.59 -17.07
N ARG A 432 14.07 -10.48 -17.63
CA ARG A 432 15.33 -10.54 -18.36
C ARG A 432 16.47 -11.00 -17.46
N LEU A 433 16.54 -10.43 -16.25
CA LEU A 433 17.55 -10.87 -15.29
C LEU A 433 17.42 -12.37 -15.03
N PHE A 434 16.20 -12.81 -14.71
CA PHE A 434 15.95 -14.22 -14.47
C PHE A 434 16.40 -15.06 -15.65
N LYS A 435 16.07 -14.64 -16.87
CA LYS A 435 16.52 -15.37 -18.05
C LYS A 435 18.03 -15.46 -18.09
N GLY A 436 18.72 -14.34 -17.89
CA GLY A 436 20.17 -14.35 -17.91
C GLY A 436 20.78 -15.25 -16.85
N LEU A 437 20.20 -15.26 -15.65
CA LEU A 437 20.75 -16.08 -14.57
C LEU A 437 20.56 -17.56 -14.84
N LEU A 438 19.47 -17.95 -15.50
CA LEU A 438 19.31 -19.34 -15.92
C LEU A 438 20.39 -19.72 -16.92
N GLU A 439 20.64 -18.83 -17.88
CA GLU A 439 21.67 -19.09 -18.88
C GLU A 439 23.04 -19.24 -18.22
N LYS A 440 23.33 -18.41 -17.21
CA LYS A 440 24.58 -18.55 -16.48
C LYS A 440 24.73 -19.93 -15.84
N GLU A 441 23.62 -20.54 -15.39
CA GLU A 441 23.67 -21.87 -14.81
C GLU A 441 23.96 -22.97 -15.84
N GLY A 442 23.84 -22.67 -17.13
CA GLY A 442 24.03 -23.67 -18.17
C GLY A 442 22.78 -24.05 -18.93
N PHE A 443 21.63 -23.43 -18.63
CA PHE A 443 20.43 -23.72 -19.40
C PHE A 443 20.43 -22.94 -20.72
N ILE A 444 19.82 -23.53 -21.74
CA ILE A 444 19.45 -22.81 -22.94
C ILE A 444 18.01 -22.34 -22.78
N VAL A 445 17.79 -21.04 -22.92
CA VAL A 445 16.51 -20.43 -22.59
C VAL A 445 16.07 -19.52 -23.72
N HIS A 446 14.91 -19.82 -24.31
CA HIS A 446 14.27 -18.95 -25.28
C HIS A 446 12.96 -18.43 -24.71
N TRP A 447 12.59 -17.21 -25.12
CA TRP A 447 11.27 -16.71 -24.82
C TRP A 447 10.22 -17.45 -25.63
N PHE A 448 9.01 -17.54 -25.09
CA PHE A 448 7.90 -18.17 -25.80
C PHE A 448 7.75 -17.60 -27.21
N GLU A 449 7.93 -16.29 -27.35
CA GLU A 449 7.71 -15.62 -28.61
C GLU A 449 8.74 -16.00 -29.68
N GLU A 450 9.86 -16.60 -29.29
CA GLU A 450 10.96 -16.86 -30.20
C GLU A 450 10.90 -18.22 -30.88
N VAL A 451 10.05 -19.14 -30.43
CA VAL A 451 10.14 -20.52 -30.90
C VAL A 451 8.76 -20.94 -31.40
N PRO A 452 8.70 -22.01 -32.20
CA PRO A 452 7.40 -22.47 -32.71
C PRO A 452 6.54 -23.06 -31.61
N ARG A 453 5.26 -23.19 -31.92
CA ARG A 453 4.30 -23.80 -31.03
C ARG A 453 3.44 -24.78 -31.82
N PRO A 454 2.84 -25.76 -31.14
CA PRO A 454 2.08 -26.78 -31.86
C PRO A 454 0.96 -26.16 -32.70
N GLY A 455 0.76 -26.74 -33.88
CA GLY A 455 -0.14 -26.19 -34.87
C GLY A 455 -0.03 -27.01 -36.14
N THR A 456 -0.53 -26.43 -37.24
CA THR A 456 -0.59 -27.19 -38.49
C THR A 456 0.79 -27.56 -39.02
N GLY A 457 1.83 -26.79 -38.69
CA GLY A 457 3.17 -27.06 -39.18
C GLY A 457 4.19 -27.48 -38.15
N TYR A 458 3.77 -27.72 -36.90
CA TYR A 458 4.71 -28.05 -35.83
C TYR A 458 3.93 -28.91 -34.84
N SER A 459 4.51 -30.05 -34.48
CA SER A 459 3.82 -31.06 -33.70
C SER A 459 4.24 -30.99 -32.23
N ILE A 460 3.50 -31.71 -31.39
CA ILE A 460 3.88 -31.83 -29.99
C ILE A 460 5.17 -32.63 -29.88
N GLU A 461 5.39 -33.59 -30.77
CA GLU A 461 6.65 -34.33 -30.74
C GLU A 461 7.81 -33.41 -31.08
N ASP A 462 7.63 -32.53 -32.07
CA ASP A 462 8.62 -31.49 -32.35
C ASP A 462 8.89 -30.66 -31.10
N LEU A 463 7.83 -30.18 -30.46
CA LEU A 463 7.98 -29.40 -29.24
C LEU A 463 8.81 -30.17 -28.20
N LYS A 464 8.50 -31.45 -27.99
CA LYS A 464 9.23 -32.23 -26.99
C LYS A 464 10.68 -32.43 -27.40
N ARG A 465 10.94 -32.53 -28.71
CA ARG A 465 12.31 -32.62 -29.20
C ARG A 465 13.07 -31.33 -28.89
N ASP A 466 12.38 -30.20 -28.96
CA ASP A 466 13.00 -28.89 -28.83
C ASP A 466 12.91 -28.32 -27.42
N THR A 467 12.10 -28.92 -26.54
CA THR A 467 11.80 -28.32 -25.24
C THR A 467 11.82 -29.37 -24.16
N ASP A 468 12.61 -29.10 -23.12
CA ASP A 468 12.67 -29.97 -21.95
C ASP A 468 11.86 -29.43 -20.77
N LEU A 469 11.58 -28.13 -20.74
CA LEU A 469 10.93 -27.51 -19.58
C LEU A 469 10.29 -26.18 -19.99
N PHE A 470 9.07 -25.96 -19.54
CA PHE A 470 8.43 -24.64 -19.58
C PHE A 470 8.60 -24.00 -18.20
N ILE A 471 8.99 -22.73 -18.17
CA ILE A 471 8.96 -21.94 -16.95
C ILE A 471 8.10 -20.70 -17.18
N TYR A 472 7.17 -20.45 -16.25
CA TYR A 472 6.32 -19.25 -16.29
C TYR A 472 6.80 -18.21 -15.27
N TYR A 473 6.95 -16.97 -15.73
CA TYR A 473 7.24 -15.82 -14.87
C TYR A 473 5.99 -14.95 -14.86
N ALA A 474 5.22 -15.01 -13.78
CA ALA A 474 3.94 -14.32 -13.68
C ALA A 474 4.07 -13.13 -12.75
N ASN A 475 3.75 -11.93 -13.25
CA ASN A 475 3.79 -10.69 -12.46
C ASN A 475 2.51 -9.90 -12.76
N PHE A 476 1.44 -10.23 -12.03
CA PHE A 476 0.18 -9.47 -12.13
C PHE A 476 0.06 -8.62 -10.87
N LYS A 477 0.43 -7.35 -11.02
CA LYS A 477 0.65 -6.46 -9.89
C LYS A 477 -0.62 -5.66 -9.60
N VAL A 478 -0.75 -5.24 -8.34
CA VAL A 478 -1.83 -4.34 -7.96
C VAL A 478 -1.60 -2.97 -8.58
N SER A 479 -2.68 -2.34 -9.01
CA SER A 479 -2.60 -0.97 -9.50
C SER A 479 -4.00 -0.37 -9.50
N SER A 480 -4.10 0.87 -9.01
CA SER A 480 -5.38 1.59 -8.96
C SER A 480 -6.15 1.45 -10.27
N ASN A 481 -7.45 1.20 -10.14
CA ASN A 481 -8.42 1.22 -11.24
C ASN A 481 -8.35 -0.02 -12.13
N GLN A 482 -7.79 -1.12 -11.64
CA GLN A 482 -7.92 -2.42 -12.29
C GLN A 482 -9.03 -3.19 -11.60
N THR A 483 -9.93 -3.78 -12.39
CA THR A 483 -10.97 -4.62 -11.81
C THR A 483 -10.53 -6.07 -11.65
N THR A 484 -9.37 -6.42 -12.20
CA THR A 484 -8.81 -7.75 -12.01
C THR A 484 -7.29 -7.70 -12.05
N ILE A 485 -6.68 -8.61 -11.29
CA ILE A 485 -5.28 -9.00 -11.47
C ILE A 485 -5.20 -10.50 -11.75
N ARG A 486 -6.28 -11.06 -12.28
CA ARG A 486 -6.30 -12.44 -12.71
C ARG A 486 -5.31 -12.64 -13.86
N LEU A 487 -4.90 -13.89 -14.01
CA LEU A 487 -4.04 -14.26 -15.12
C LEU A 487 -4.72 -13.98 -16.45
N VAL A 488 -4.10 -13.15 -17.28
CA VAL A 488 -4.56 -12.84 -18.62
C VAL A 488 -3.41 -13.15 -19.57
N TRP A 489 -3.71 -13.91 -20.63
CA TRP A 489 -2.67 -14.32 -21.57
C TRP A 489 -2.57 -13.32 -22.73
N SER A 490 -1.35 -13.12 -23.20
CA SER A 490 -1.09 -12.12 -24.24
C SER A 490 -0.61 -12.76 -25.55
N GLY A 494 -5.14 -18.12 -26.48
CA GLY A 494 -4.39 -18.32 -25.26
C GLY A 494 -3.39 -19.45 -25.35
N ASP A 495 -2.67 -19.50 -26.48
CA ASP A 495 -1.73 -20.58 -26.74
C ASP A 495 -0.57 -20.61 -25.75
N SER A 496 -0.28 -19.51 -25.07
CA SER A 496 0.88 -19.45 -24.17
C SER A 496 0.55 -19.92 -22.76
N SER A 497 -0.68 -20.37 -22.51
CA SER A 497 -1.02 -20.89 -21.20
C SER A 497 -0.39 -22.27 -21.03
N PRO A 498 -0.41 -22.83 -19.81
CA PRO A 498 0.24 -24.14 -19.57
C PRO A 498 -0.61 -25.29 -20.09
N LYS A 499 -0.69 -25.41 -21.42
CA LYS A 499 -1.66 -26.29 -22.03
C LYS A 499 -1.08 -27.67 -22.37
N PHE A 500 0.19 -27.91 -22.08
CA PHE A 500 0.85 -29.18 -22.40
C PHE A 500 1.56 -29.76 -21.19
N VAL A 501 0.99 -29.59 -19.99
CA VAL A 501 1.66 -30.00 -18.76
C VAL A 501 1.88 -31.51 -18.68
N CYS A 502 1.12 -32.32 -19.41
CA CYS A 502 1.33 -33.76 -19.42
C CYS A 502 2.27 -34.20 -20.52
N ASP A 503 2.66 -33.29 -21.42
CA ASP A 503 3.58 -33.57 -22.51
C ASP A 503 4.96 -32.97 -22.29
N VAL A 504 5.04 -31.83 -21.60
CA VAL A 504 6.31 -31.17 -21.30
C VAL A 504 6.28 -30.70 -19.85
N PRO A 505 7.28 -31.03 -19.03
CA PRO A 505 7.30 -30.52 -17.65
C PRO A 505 7.15 -29.01 -17.62
N THR A 506 6.29 -28.53 -16.73
CA THR A 506 5.97 -27.11 -16.63
C THR A 506 6.09 -26.65 -15.19
N LEU A 507 6.84 -25.56 -14.99
CA LEU A 507 7.04 -24.94 -13.69
C LEU A 507 6.47 -23.53 -13.73
N PHE A 508 5.68 -23.17 -12.71
CA PHE A 508 5.00 -21.89 -12.67
C PHE A 508 5.48 -21.09 -11.45
N LEU A 509 6.00 -19.89 -11.71
CA LEU A 509 6.50 -18.98 -10.67
C LEU A 509 5.65 -17.72 -10.69
N SER A 510 5.01 -17.41 -9.57
CA SER A 510 4.36 -16.11 -9.39
C SER A 510 5.25 -15.19 -8.57
N PHE A 511 5.53 -14.01 -9.10
CA PHE A 511 6.26 -12.97 -8.38
C PHE A 511 5.33 -11.87 -7.88
N SER A 512 4.03 -12.16 -7.77
CA SER A 512 3.11 -11.21 -7.15
C SER A 512 1.88 -11.94 -6.63
N ASN A 513 0.83 -12.03 -7.43
CA ASN A 513 -0.44 -12.60 -6.99
C ASN A 513 -0.25 -14.03 -6.48
N PRO A 514 -0.61 -14.33 -5.22
CA PRO A 514 -0.41 -15.69 -4.70
C PRO A 514 -1.46 -16.69 -5.11
N TYR A 515 -2.50 -16.27 -5.85
CA TYR A 515 -3.65 -17.11 -6.13
C TYR A 515 -3.69 -17.62 -7.57
N HIS A 516 -2.56 -17.62 -8.28
CA HIS A 516 -2.61 -17.95 -9.69
C HIS A 516 -2.97 -19.40 -9.96
N LEU A 517 -2.90 -20.28 -8.96
CA LEU A 517 -3.44 -21.62 -9.17
C LEU A 517 -4.93 -21.58 -9.55
N VAL A 518 -5.60 -20.45 -9.35
CA VAL A 518 -6.97 -20.28 -9.83
C VAL A 518 -7.04 -20.44 -11.34
N ASP A 519 -6.06 -19.88 -12.05
CA ASP A 519 -6.08 -19.86 -13.50
C ASP A 519 -5.16 -20.90 -14.13
N VAL A 520 -4.26 -21.51 -13.37
CA VAL A 520 -3.41 -22.58 -13.89
C VAL A 520 -3.46 -23.77 -12.93
N PRO A 521 -4.64 -24.30 -12.64
CA PRO A 521 -4.72 -25.42 -11.68
C PRO A 521 -4.07 -26.70 -12.18
N MET A 522 -3.88 -26.84 -13.49
CA MET A 522 -3.23 -28.02 -14.06
C MET A 522 -1.73 -28.09 -13.72
N VAL A 523 -1.14 -26.99 -13.28
CA VAL A 523 0.29 -26.93 -13.04
C VAL A 523 0.63 -27.80 -11.84
N LYS A 524 1.71 -28.57 -11.95
CA LYS A 524 2.09 -29.54 -10.92
C LYS A 524 3.16 -29.01 -9.97
N THR A 525 3.92 -28.00 -10.37
CA THR A 525 4.90 -27.34 -9.50
C THR A 525 4.65 -25.84 -9.53
N TYR A 526 4.40 -25.25 -8.37
CA TYR A 526 3.97 -23.87 -8.26
C TYR A 526 4.65 -23.23 -7.07
N ILE A 527 5.23 -22.04 -7.28
CA ILE A 527 5.98 -21.33 -6.25
C ILE A 527 5.47 -19.89 -6.20
N ASN A 528 5.21 -19.39 -4.99
CA ASN A 528 4.86 -18.00 -4.77
C ASN A 528 6.07 -17.25 -4.23
N ALA A 529 6.42 -16.13 -4.89
CA ALA A 529 7.51 -15.28 -4.44
C ALA A 529 7.05 -13.89 -4.00
N TYR A 530 5.81 -13.48 -4.33
CA TYR A 530 5.13 -12.31 -3.78
C TYR A 530 5.68 -10.97 -4.25
N THR A 531 6.93 -10.93 -4.70
CA THR A 531 7.59 -9.69 -5.07
C THR A 531 8.43 -9.90 -6.32
N SER A 532 8.36 -8.96 -7.26
CA SER A 532 9.15 -9.04 -8.49
C SER A 532 10.22 -7.95 -8.44
N ASN A 533 11.32 -8.26 -7.76
CA ASN A 533 12.48 -7.38 -7.77
C ASN A 533 13.74 -8.22 -7.88
N GLU A 534 14.88 -7.53 -8.03
CA GLU A 534 16.14 -8.24 -8.25
C GLU A 534 16.44 -9.22 -7.13
N ALA A 535 16.25 -8.79 -5.88
CA ALA A 535 16.58 -9.65 -4.75
C ALA A 535 15.80 -10.96 -4.80
N THR A 536 14.51 -10.88 -5.12
CA THR A 536 13.69 -12.09 -5.14
C THR A 536 14.04 -12.97 -6.32
N VAL A 537 14.41 -12.37 -7.45
CA VAL A 537 14.80 -13.14 -8.63
C VAL A 537 16.07 -13.92 -8.35
N ARG A 538 17.08 -13.26 -7.75
CA ARG A 538 18.33 -13.94 -7.45
C ARG A 538 18.12 -15.08 -6.45
N MET A 539 17.27 -14.87 -5.45
CA MET A 539 17.04 -15.94 -4.48
C MET A 539 16.20 -17.06 -5.07
N MET A 540 15.30 -16.75 -6.00
CA MET A 540 14.59 -17.80 -6.71
C MET A 540 15.57 -18.73 -7.42
N ILE A 541 16.54 -18.16 -8.13
CA ILE A 541 17.56 -18.95 -8.81
C ILE A 541 18.26 -19.87 -7.82
N GLU A 542 18.70 -19.32 -6.69
CA GLU A 542 19.41 -20.14 -5.72
C GLU A 542 18.55 -21.33 -5.28
N LYS A 543 17.25 -21.11 -5.10
CA LYS A 543 16.40 -22.16 -4.57
C LYS A 543 16.03 -23.17 -5.64
N LEU A 544 15.80 -22.72 -6.87
CA LEU A 544 15.52 -23.66 -7.96
C LEU A 544 16.71 -24.58 -8.20
N MET A 545 17.93 -24.06 -8.08
CA MET A 545 19.14 -24.84 -8.26
C MET A 545 19.50 -25.67 -7.03
N GLY A 546 18.75 -25.55 -5.94
CA GLY A 546 18.98 -26.38 -4.78
C GLY A 546 20.10 -25.91 -3.88
N ARG A 547 20.62 -24.71 -4.09
CA ARG A 547 21.63 -24.13 -3.21
C ARG A 547 21.02 -23.40 -2.02
N SER A 548 19.70 -23.22 -1.99
CA SER A 548 19.03 -22.52 -0.90
C SER A 548 17.68 -23.20 -0.69
N SER A 549 17.36 -23.51 0.57
CA SER A 549 16.11 -24.19 0.86
C SER A 549 14.93 -23.24 0.70
N PHE A 550 13.77 -23.82 0.41
CA PHE A 550 12.51 -23.07 0.46
C PHE A 550 12.08 -22.94 1.92
N LYS A 551 11.88 -21.72 2.36
CA LYS A 551 11.59 -21.43 3.76
C LYS A 551 10.26 -20.73 3.97
N GLY A 552 9.65 -20.19 2.92
CA GLY A 552 8.44 -19.41 3.09
C GLY A 552 7.25 -20.26 3.52
N LYS A 553 6.33 -19.63 4.25
CA LYS A 553 5.08 -20.23 4.67
C LYS A 553 3.94 -19.35 4.17
N SER A 554 3.03 -19.94 3.40
CA SER A 554 1.93 -19.19 2.81
C SER A 554 1.17 -18.44 3.91
N PRO A 555 1.06 -17.11 3.83
CA PRO A 555 0.24 -16.35 4.79
C PRO A 555 -1.22 -16.23 4.41
N VAL A 556 -1.61 -17.03 3.42
CA VAL A 556 -2.91 -17.00 2.77
C VAL A 556 -3.14 -18.43 2.27
N ASP A 557 -4.38 -18.77 1.94
CA ASP A 557 -4.65 -20.06 1.30
C ASP A 557 -4.43 -19.92 -0.20
N PRO A 558 -3.31 -20.42 -0.75
CA PRO A 558 -3.05 -20.20 -2.18
C PRO A 558 -4.00 -20.95 -3.09
N PHE A 559 -4.72 -21.94 -2.57
CA PHE A 559 -5.63 -22.71 -3.40
C PHE A 559 -7.00 -22.04 -3.53
N ALA A 560 -7.32 -21.08 -2.67
CA ALA A 560 -8.54 -20.29 -2.79
C ALA A 560 -9.77 -21.20 -2.90
N GLY A 561 -9.83 -22.20 -2.01
CA GLY A 561 -10.96 -23.11 -1.99
C GLY A 561 -10.99 -24.11 -3.12
N LEU A 562 -9.84 -24.43 -3.71
CA LEU A 562 -9.77 -25.33 -4.86
C LEU A 562 -10.39 -24.64 -6.08
#